data_5EAC
#
_entry.id   5EAC
#
_cell.length_a   77.370
_cell.length_b   67.330
_cell.length_c   80.790
_cell.angle_alpha   90.000
_cell.angle_beta   98.560
_cell.angle_gamma   90.000
#
_symmetry.space_group_name_H-M   'P 1 21 1'
#
loop_
_entity.id
_entity.type
_entity.pdbx_description
1 polymer 'Lanosterol 14-alpha demethylase'
2 non-polymer 'PROTOPORPHYRIN IX CONTAINING FE'
3 non-polymer (3~{R})-1-(4-chlorophenyl)-4,4-dimethyl-3-(1,2,4-triazol-1-ylmethyl)pentan-3-ol
4 water water
#
_entity_poly.entity_id   1
_entity_poly.type   'polypeptide(L)'
_entity_poly.pdbx_seq_one_letter_code
;MSATKSIVGEALEYVNIGLSHFLALPLAQRISLIIIIPFIYNIVWQLLYSLRKDRPPLVFYWIPWVGSAVVYGMKPYEFF
EECQKKYGDIFSFVLLGRVMTVYLGPKGHEFVFNAKLADVSAEAAYAHLTTPVFGKGVIYDCPNSRLMEQKKFVKGALTK
EAFKSYVPLIAEEVYKYFRDSKNFRLNERTTGTIDVMVTQPEMTIFTASRSLLGKEMRAKLDTDFAYLYSDLDKGFTPIN
FVFPNLPLEHYRKRDHAQKAISGTYMSLIKERRKNNDIQDRDLIDSLMKNSTYKDGVKMTDQEIANLLIGVLMGGQHTSA
ATSAWILLHLAERPDVQQELYEEQMRVLDGGKKELTYDLLQEMPLLNQTIKETLRMHHPLHSLFRKVMKDMHVPNTSYVI
PAGYHVLVSPGYTHLRDEYFPNAHQFNIHRWNNDSASSYSVGEEVDYGFGAISKGVSSPYLPFGGGRHRCIGEHFAYCQL
GVLMSIFIRTLKWHYPEGKTVPPPDFTSMVTLPTGPAKIIWEKRNPEQKIGGRHHHHHH
;
_entity_poly.pdbx_strand_id   A
#
loop_
_chem_comp.id
_chem_comp.type
_chem_comp.name
_chem_comp.formula
HEM non-polymer 'PROTOPORPHYRIN IX CONTAINING FE' 'C34 H32 Fe N4 O4'
TBQ non-polymer (3~{R})-1-(4-chlorophenyl)-4,4-dimethyl-3-(1,2,4-triazol-1-ylmethyl)pentan-3-ol 'C16 H22 Cl N3 O'
#
# COMPACT_ATOMS: atom_id res chain seq x y z
N SER A 6 47.26 48.11 14.97
CA SER A 6 46.94 46.94 14.16
C SER A 6 46.50 45.76 15.04
N ILE A 7 45.66 46.05 16.04
CA ILE A 7 45.21 45.04 17.00
C ILE A 7 43.81 44.49 16.69
N VAL A 8 43.75 43.25 16.22
CA VAL A 8 42.48 42.53 16.08
C VAL A 8 42.23 41.74 17.36
N GLY A 9 43.24 41.73 18.23
CA GLY A 9 43.13 41.07 19.52
C GLY A 9 42.01 41.69 20.32
N GLU A 10 41.86 43.02 20.18
CA GLU A 10 40.83 43.73 20.92
C GLU A 10 39.45 43.25 20.52
N ALA A 11 39.34 42.72 19.30
CA ALA A 11 38.08 42.16 18.81
C ALA A 11 37.85 40.74 19.31
N LEU A 12 38.93 39.96 19.35
CA LEU A 12 38.85 38.59 19.85
C LEU A 12 38.47 38.50 21.34
N GLU A 13 38.85 39.51 22.12
CA GLU A 13 38.39 39.62 23.49
C GLU A 13 36.86 39.80 23.53
N TYR A 14 36.34 40.66 22.66
CA TYR A 14 34.91 40.98 22.70
C TYR A 14 34.07 39.82 22.17
N VAL A 15 34.68 38.93 21.40
CA VAL A 15 34.05 37.65 21.10
C VAL A 15 33.78 36.90 22.40
N ASN A 16 34.87 36.67 23.16
CA ASN A 16 34.77 36.00 24.46
C ASN A 16 33.78 36.74 25.34
N ILE A 17 33.88 38.07 25.36
CA ILE A 17 32.96 38.86 26.19
C ILE A 17 31.53 38.64 25.74
N GLY A 18 31.33 38.65 24.43
CA GLY A 18 30.01 38.48 23.83
C GLY A 18 29.43 37.13 24.18
N LEU A 19 30.24 36.09 24.06
CA LEU A 19 29.83 34.77 24.51
C LEU A 19 29.41 34.76 25.98
N SER A 20 30.13 35.48 26.82
CA SER A 20 29.84 35.48 28.25
C SER A 20 28.52 36.22 28.50
N HIS A 21 28.29 37.33 27.80
CA HIS A 21 27.02 38.06 27.90
C HIS A 21 25.84 37.29 27.32
N PHE A 22 26.12 36.44 26.34
CA PHE A 22 25.10 35.56 25.81
C PHE A 22 24.58 34.63 26.91
N LEU A 23 25.49 34.05 27.68
CA LEU A 23 25.09 33.12 28.74
C LEU A 23 24.36 33.83 29.88
N ALA A 24 24.38 35.15 29.88
CA ALA A 24 23.75 35.94 30.94
C ALA A 24 22.48 36.70 30.50
N LEU A 25 21.93 36.36 29.33
CA LEU A 25 20.68 36.99 28.89
C LEU A 25 19.52 36.51 29.77
N PRO A 26 18.46 37.32 29.90
CA PRO A 26 17.30 36.78 30.62
C PRO A 26 16.70 35.63 29.81
N LEU A 27 16.13 34.64 30.49
CA LEU A 27 15.54 33.47 29.83
C LEU A 27 14.50 33.83 28.76
N ALA A 28 13.82 34.96 28.93
CA ALA A 28 12.84 35.41 27.96
C ALA A 28 13.50 35.74 26.63
N GLN A 29 14.78 36.11 26.67
CA GLN A 29 15.51 36.46 25.46
C GLN A 29 16.30 35.27 24.93
N ARG A 30 16.48 34.25 25.77
CA ARG A 30 17.25 33.09 25.36
C ARG A 30 16.38 32.06 24.67
N ILE A 31 15.21 31.81 25.26
CA ILE A 31 14.21 30.98 24.63
C ILE A 31 13.87 31.55 23.26
N SER A 32 13.57 32.84 23.22
CA SER A 32 13.31 33.54 21.98
C SER A 32 14.40 33.27 20.97
N LEU A 33 15.64 33.30 21.46
CA LEU A 33 16.80 33.12 20.60
C LEU A 33 16.90 31.70 20.08
N ILE A 34 16.67 30.72 20.94
CA ILE A 34 16.74 29.32 20.54
C ILE A 34 15.62 29.00 19.53
N ILE A 35 14.64 29.90 19.44
CA ILE A 35 13.66 29.83 18.37
C ILE A 35 14.12 30.63 17.14
N ILE A 36 14.55 31.86 17.35
CA ILE A 36 14.88 32.74 16.22
C ILE A 36 16.18 32.33 15.51
N ILE A 37 17.18 31.89 16.28
CA ILE A 37 18.46 31.50 15.69
C ILE A 37 18.34 30.38 14.63
N PRO A 38 17.70 29.24 14.98
CA PRO A 38 17.59 28.19 13.96
C PRO A 38 16.62 28.57 12.83
N PHE A 39 15.63 29.39 13.14
CA PHE A 39 14.71 29.89 12.12
C PHE A 39 15.44 30.80 11.14
N ILE A 40 16.26 31.71 11.66
CA ILE A 40 16.99 32.61 10.78
C ILE A 40 17.99 31.82 9.97
N TYR A 41 18.67 30.90 10.62
CA TYR A 41 19.69 30.08 9.99
C TYR A 41 19.12 29.16 8.93
N ASN A 42 17.91 28.68 9.18
CA ASN A 42 17.20 27.83 8.23
C ASN A 42 17.02 28.55 6.90
N ILE A 43 16.47 29.75 6.98
CA ILE A 43 16.19 30.57 5.80
C ILE A 43 17.45 30.96 5.05
N VAL A 44 18.55 31.24 5.75
CA VAL A 44 19.76 31.64 5.03
C VAL A 44 20.38 30.41 4.35
N TRP A 45 20.25 29.25 4.98
CA TRP A 45 20.77 28.00 4.41
C TRP A 45 20.05 27.65 3.10
N GLN A 46 18.74 27.82 3.07
CA GLN A 46 17.97 27.55 1.85
C GLN A 46 18.40 28.49 0.74
N LEU A 47 18.45 29.79 1.07
CA LEU A 47 18.92 30.82 0.14
C LEU A 47 20.25 30.42 -0.49
N LEU A 48 21.19 29.98 0.33
CA LEU A 48 22.49 29.55 -0.16
C LEU A 48 22.42 28.26 -0.97
N TYR A 49 21.56 27.33 -0.52
CA TYR A 49 21.34 26.05 -1.19
C TYR A 49 20.84 26.23 -2.62
N SER A 50 20.01 27.24 -2.82
CA SER A 50 19.40 27.51 -4.12
C SER A 50 20.42 27.81 -5.22
N LEU A 51 21.65 28.15 -4.84
CA LEU A 51 22.68 28.49 -5.82
C LEU A 51 23.41 27.27 -6.37
N ARG A 52 23.50 26.21 -5.57
CA ARG A 52 24.07 24.96 -6.05
C ARG A 52 23.36 24.49 -7.32
N LYS A 53 24.14 24.10 -8.31
CA LYS A 53 23.59 23.68 -9.59
C LYS A 53 23.55 22.16 -9.69
N ASP A 54 24.16 21.51 -8.70
CA ASP A 54 24.22 20.05 -8.66
C ASP A 54 23.19 19.46 -7.69
N ARG A 55 22.25 20.30 -7.26
CA ARG A 55 21.14 19.89 -6.41
C ARG A 55 19.83 20.31 -7.06
N PRO A 56 18.83 19.41 -7.10
CA PRO A 56 17.50 19.82 -7.55
C PRO A 56 16.98 20.99 -6.73
N PRO A 57 16.10 21.80 -7.29
CA PRO A 57 15.45 22.86 -6.52
C PRO A 57 14.83 22.29 -5.26
N LEU A 58 15.06 22.95 -4.13
CA LEU A 58 14.48 22.56 -2.85
C LEU A 58 13.28 23.45 -2.55
N VAL A 59 12.14 22.83 -2.23
CA VAL A 59 10.91 23.58 -1.94
C VAL A 59 11.07 24.38 -0.66
N PHE A 60 10.74 25.67 -0.72
CA PHE A 60 10.93 26.55 0.44
C PHE A 60 9.98 26.18 1.58
N TYR A 61 10.48 26.31 2.81
CA TYR A 61 9.67 26.02 4.00
C TYR A 61 10.07 26.93 5.16
N TRP A 62 9.10 27.29 6.00
CA TRP A 62 9.33 28.21 7.11
C TRP A 62 9.87 27.50 8.35
N ILE A 63 9.19 26.43 8.75
CA ILE A 63 9.53 25.72 9.98
C ILE A 63 10.67 24.73 9.79
N PRO A 64 11.78 24.93 10.51
CA PRO A 64 12.88 23.95 10.43
C PRO A 64 12.44 22.57 10.90
N TRP A 65 13.12 21.55 10.38
CA TRP A 65 12.82 20.14 10.65
C TRP A 65 11.49 19.65 10.08
N VAL A 66 10.39 20.30 10.45
CA VAL A 66 9.05 19.93 9.97
C VAL A 66 8.98 19.96 8.44
N GLY A 67 9.51 21.02 7.85
CA GLY A 67 9.54 21.14 6.40
C GLY A 67 8.16 21.26 5.78
N SER A 68 7.98 20.70 4.58
CA SER A 68 6.70 20.73 3.91
C SER A 68 5.75 19.60 4.35
N ALA A 69 6.00 19.02 5.52
CA ALA A 69 5.27 17.86 6.05
C ALA A 69 3.74 17.99 6.01
N VAL A 70 3.24 19.12 6.47
CA VAL A 70 1.79 19.28 6.57
C VAL A 70 1.13 19.25 5.20
N VAL A 71 1.60 20.08 4.27
CA VAL A 71 0.97 20.13 2.96
C VAL A 71 1.18 18.83 2.18
N TYR A 72 2.38 18.25 2.28
CA TYR A 72 2.63 16.97 1.63
C TYR A 72 1.74 15.87 2.21
N GLY A 73 1.65 15.84 3.54
CA GLY A 73 0.89 14.81 4.24
C GLY A 73 -0.60 14.81 3.95
N MET A 74 -1.16 15.98 3.68
CA MET A 74 -2.60 16.09 3.48
C MET A 74 -3.02 15.99 2.03
N LYS A 75 -2.27 16.62 1.13
CA LYS A 75 -2.61 16.56 -0.29
C LYS A 75 -1.34 16.41 -1.14
N PRO A 76 -0.73 15.22 -1.10
CA PRO A 76 0.56 14.97 -1.76
C PRO A 76 0.51 15.21 -3.26
N TYR A 77 -0.55 14.80 -3.94
CA TYR A 77 -0.63 14.99 -5.40
C TYR A 77 -0.76 16.46 -5.77
N GLU A 78 -1.47 17.22 -4.94
CA GLU A 78 -1.64 18.64 -5.23
C GLU A 78 -0.32 19.35 -4.95
N PHE A 79 0.39 18.87 -3.93
CA PHE A 79 1.72 19.36 -3.61
C PHE A 79 2.65 19.11 -4.79
N PHE A 80 2.58 17.90 -5.35
CA PHE A 80 3.44 17.54 -6.46
C PHE A 80 3.14 18.38 -7.72
N GLU A 81 1.86 18.61 -8.00
CA GLU A 81 1.52 19.37 -9.21
C GLU A 81 2.05 20.81 -9.15
N GLU A 82 1.90 21.45 -7.99
CA GLU A 82 2.45 22.78 -7.77
C GLU A 82 3.96 22.80 -7.93
N CYS A 83 4.66 21.91 -7.22
CA CYS A 83 6.11 21.84 -7.34
C CYS A 83 6.52 21.56 -8.77
N GLN A 84 5.75 20.74 -9.47
CA GLN A 84 6.09 20.39 -10.84
C GLN A 84 5.98 21.62 -11.75
N LYS A 85 5.04 22.51 -11.47
CA LYS A 85 4.88 23.69 -12.33
C LYS A 85 5.99 24.69 -12.09
N LYS A 86 6.36 24.87 -10.83
CA LYS A 86 7.43 25.79 -10.48
C LYS A 86 8.78 25.25 -10.90
N TYR A 87 9.09 24.01 -10.53
CA TYR A 87 10.46 23.50 -10.64
C TYR A 87 10.68 22.38 -11.67
N GLY A 88 9.61 21.84 -12.24
CA GLY A 88 9.75 20.71 -13.16
C GLY A 88 9.67 19.37 -12.45
N ASP A 89 10.19 18.32 -13.07
CA ASP A 89 9.98 16.94 -12.62
C ASP A 89 10.88 16.49 -11.45
N ILE A 90 11.95 17.22 -11.19
CA ILE A 90 12.83 16.86 -10.08
C ILE A 90 12.93 18.00 -9.07
N PHE A 91 12.55 17.74 -7.83
CA PHE A 91 12.63 18.74 -6.80
C PHE A 91 12.77 18.05 -5.47
N SER A 92 13.27 18.77 -4.47
CA SER A 92 13.41 18.22 -3.14
C SER A 92 12.51 18.95 -2.21
N PHE A 93 12.18 18.32 -1.10
CA PHE A 93 11.49 19.01 -0.03
C PHE A 93 11.85 18.39 1.31
N VAL A 94 11.78 19.19 2.35
CA VAL A 94 12.12 18.69 3.67
C VAL A 94 10.87 18.10 4.32
N LEU A 95 11.08 16.97 5.00
CA LEU A 95 9.98 16.21 5.57
C LEU A 95 10.41 15.63 6.91
N LEU A 96 9.95 16.26 7.99
CA LEU A 96 10.21 15.81 9.36
C LEU A 96 11.64 15.32 9.57
N GLY A 97 12.60 16.15 9.22
CA GLY A 97 14.01 15.82 9.42
C GLY A 97 14.72 15.25 8.21
N ARG A 98 13.95 14.80 7.23
CA ARG A 98 14.49 14.14 6.04
C ARG A 98 14.41 15.03 4.81
N VAL A 99 15.36 14.87 3.90
CA VAL A 99 15.23 15.51 2.61
C VAL A 99 14.73 14.50 1.56
N MET A 100 13.54 14.76 1.03
CA MET A 100 12.95 13.90 0.02
C MET A 100 13.20 14.45 -1.37
N THR A 101 13.84 13.67 -2.24
CA THR A 101 13.93 14.08 -3.63
C THR A 101 12.92 13.34 -4.51
N VAL A 102 11.90 14.08 -4.94
CA VAL A 102 10.85 13.59 -5.83
C VAL A 102 11.28 13.62 -7.27
N TYR A 103 11.11 12.51 -7.99
CA TYR A 103 11.30 12.52 -9.45
C TYR A 103 9.99 12.04 -10.10
N LEU A 104 9.25 12.97 -10.69
CA LEU A 104 7.94 12.68 -11.28
C LEU A 104 8.02 12.13 -12.71
N GLY A 105 7.06 11.27 -13.05
CA GLY A 105 6.91 10.74 -14.40
C GLY A 105 7.68 9.47 -14.63
N PRO A 106 7.53 8.89 -15.82
CA PRO A 106 8.13 7.61 -16.20
C PRO A 106 9.66 7.54 -16.00
N LYS A 107 10.35 8.66 -16.21
CA LYS A 107 11.79 8.72 -15.97
C LYS A 107 12.08 8.69 -14.47
N GLY A 108 11.10 9.07 -13.67
CA GLY A 108 11.24 8.91 -12.23
C GLY A 108 11.10 7.46 -11.84
N HIS A 109 10.16 6.77 -12.49
CA HIS A 109 9.97 5.34 -12.27
C HIS A 109 11.30 4.62 -12.56
N GLU A 110 11.92 4.97 -13.70
CA GLU A 110 13.23 4.40 -14.05
C GLU A 110 14.30 4.75 -13.03
N PHE A 111 14.40 6.03 -12.70
CA PHE A 111 15.43 6.46 -11.77
C PHE A 111 15.33 5.72 -10.43
N VAL A 112 14.13 5.59 -9.88
CA VAL A 112 14.01 5.04 -8.54
C VAL A 112 13.80 3.52 -8.50
N PHE A 113 12.87 2.99 -9.28
CA PHE A 113 12.55 1.58 -9.23
C PHE A 113 13.69 0.72 -9.76
N ASN A 114 14.40 1.22 -10.79
CA ASN A 114 15.53 0.50 -11.37
C ASN A 114 16.89 0.97 -10.86
N ALA A 115 16.92 1.67 -9.74
CA ALA A 115 18.18 2.09 -9.15
C ALA A 115 19.02 0.86 -8.78
N LYS A 116 20.34 1.02 -8.83
CA LYS A 116 21.22 -0.10 -8.53
C LYS A 116 21.09 -0.44 -7.05
N LEU A 117 21.22 -1.72 -6.73
CA LEU A 117 21.10 -2.20 -5.35
C LEU A 117 22.05 -1.48 -4.40
N ALA A 118 23.17 -1.00 -4.94
CA ALA A 118 24.18 -0.33 -4.14
C ALA A 118 23.89 1.15 -3.97
N ASP A 119 22.98 1.69 -4.78
CA ASP A 119 22.65 3.11 -4.70
C ASP A 119 21.55 3.45 -3.70
N VAL A 120 20.53 2.60 -3.60
CA VAL A 120 19.38 2.93 -2.76
C VAL A 120 18.99 1.75 -1.92
N SER A 121 18.31 2.02 -0.83
CA SER A 121 17.86 0.98 0.08
C SER A 121 16.40 1.19 0.41
N ALA A 122 15.57 0.22 0.06
CA ALA A 122 14.19 0.24 0.52
C ALA A 122 14.10 -0.03 2.02
N GLU A 123 14.90 -0.97 2.52
CA GLU A 123 14.74 -1.37 3.92
C GLU A 123 15.18 -0.22 4.84
N ALA A 124 16.13 0.59 4.39
CA ALA A 124 16.57 1.73 5.20
C ALA A 124 15.50 2.80 5.27
N ALA A 125 14.60 2.85 4.28
CA ALA A 125 13.48 3.79 4.33
C ALA A 125 12.29 3.19 5.08
N TYR A 126 12.08 1.90 4.96
CA TYR A 126 10.83 1.29 5.43
C TYR A 126 10.87 0.55 6.79
N ALA A 127 12.02 -0.04 7.14
CA ALA A 127 12.09 -0.99 8.26
C ALA A 127 11.52 -0.46 9.56
N HIS A 128 11.66 0.84 9.76
CA HIS A 128 11.32 1.42 11.04
C HIS A 128 9.79 1.51 11.32
N LEU A 129 8.94 1.07 10.38
CA LEU A 129 7.52 0.73 10.68
C LEU A 129 7.13 -0.69 10.47
N THR A 130 7.76 -1.30 9.49
CA THR A 130 7.28 -2.61 9.13
C THR A 130 7.77 -3.52 10.23
N THR A 131 9.03 -3.34 10.64
CA THR A 131 9.60 -4.24 11.64
C THR A 131 8.78 -4.31 12.96
N PRO A 132 8.41 -3.15 13.57
CA PRO A 132 7.58 -3.24 14.78
C PRO A 132 6.21 -3.88 14.55
N VAL A 133 5.63 -3.74 13.36
CA VAL A 133 4.32 -4.33 13.08
C VAL A 133 4.41 -5.81 12.70
N PHE A 134 5.39 -6.16 11.88
CA PHE A 134 5.44 -7.50 11.32
C PHE A 134 6.26 -8.44 12.21
N GLY A 135 7.34 -7.91 12.77
CA GLY A 135 8.25 -8.75 13.53
C GLY A 135 9.63 -8.75 12.91
N LYS A 136 10.58 -9.35 13.59
CA LYS A 136 11.97 -9.27 13.18
C LYS A 136 12.37 -10.33 12.14
N GLY A 137 13.46 -10.07 11.42
CA GLY A 137 14.08 -11.05 10.56
C GLY A 137 13.48 -11.22 9.16
N VAL A 138 12.39 -10.52 8.87
CA VAL A 138 11.74 -10.64 7.56
C VAL A 138 11.40 -9.29 6.95
N ILE A 139 11.07 -9.30 5.67
CA ILE A 139 10.68 -8.13 4.88
C ILE A 139 11.78 -7.09 4.84
N TYR A 140 11.73 -6.09 5.71
CA TYR A 140 12.74 -5.03 5.69
C TYR A 140 13.72 -5.12 6.89
N ASP A 141 13.57 -6.15 7.70
CA ASP A 141 14.46 -6.35 8.82
C ASP A 141 15.46 -7.46 8.46
N CYS A 142 16.03 -7.34 7.28
CA CYS A 142 16.94 -8.35 6.74
C CYS A 142 17.58 -7.74 5.51
N PRO A 143 18.68 -8.33 5.06
CA PRO A 143 19.27 -7.83 3.81
C PRO A 143 18.38 -8.11 2.59
N ASN A 144 18.63 -7.38 1.50
CA ASN A 144 17.76 -7.43 0.33
C ASN A 144 17.68 -8.83 -0.25
N SER A 145 18.81 -9.54 -0.21
CA SER A 145 18.87 -10.86 -0.82
C SER A 145 17.90 -11.80 -0.12
N ARG A 146 17.67 -11.58 1.17
CA ARG A 146 16.74 -12.42 1.91
C ARG A 146 15.31 -12.08 1.52
N LEU A 147 15.04 -10.79 1.36
CA LEU A 147 13.73 -10.34 0.92
C LEU A 147 13.39 -10.97 -0.45
N MET A 148 14.35 -10.92 -1.38
CA MET A 148 14.18 -11.53 -2.70
C MET A 148 13.69 -12.97 -2.61
N GLU A 149 14.29 -13.75 -1.71
CA GLU A 149 13.90 -15.14 -1.57
C GLU A 149 12.59 -15.33 -0.80
N GLN A 150 12.32 -14.45 0.16
CA GLN A 150 11.03 -14.47 0.83
C GLN A 150 9.91 -14.29 -0.19
N LYS A 151 10.08 -13.36 -1.12
CA LYS A 151 9.10 -13.14 -2.19
C LYS A 151 8.95 -14.39 -3.06
N LYS A 152 10.09 -15.04 -3.38
CA LYS A 152 10.07 -16.31 -4.10
C LYS A 152 9.26 -17.38 -3.36
N PHE A 153 9.49 -17.51 -2.06
CA PHE A 153 8.75 -18.48 -1.25
C PHE A 153 7.23 -18.24 -1.31
N VAL A 154 6.83 -17.00 -1.06
CA VAL A 154 5.42 -16.62 -1.07
C VAL A 154 4.77 -16.86 -2.44
N LYS A 155 5.51 -16.54 -3.51
CA LYS A 155 5.03 -16.75 -4.87
C LYS A 155 4.73 -18.20 -5.20
N GLY A 156 5.28 -19.11 -4.39
CA GLY A 156 5.06 -20.53 -4.62
C GLY A 156 3.69 -20.93 -4.19
N ALA A 157 3.04 -20.12 -3.37
CA ALA A 157 1.62 -20.34 -3.08
C ALA A 157 0.72 -19.43 -3.92
N LEU A 158 1.31 -18.70 -4.87
CA LEU A 158 0.52 -17.79 -5.71
C LEU A 158 0.54 -18.25 -7.16
N THR A 159 0.23 -19.52 -7.39
CA THR A 159 0.18 -20.06 -8.74
C THR A 159 -1.24 -20.12 -9.29
N LYS A 160 -1.34 -20.32 -10.60
CA LYS A 160 -2.62 -20.50 -11.27
C LYS A 160 -3.43 -21.64 -10.62
N GLU A 161 -2.73 -22.73 -10.30
CA GLU A 161 -3.38 -23.85 -9.62
C GLU A 161 -3.82 -23.49 -8.21
N ALA A 162 -3.04 -22.69 -7.51
CA ALA A 162 -3.51 -22.14 -6.24
C ALA A 162 -4.77 -21.27 -6.47
N PHE A 163 -4.73 -20.34 -7.41
CA PHE A 163 -5.90 -19.47 -7.69
C PHE A 163 -7.15 -20.26 -8.06
N LYS A 164 -6.97 -21.38 -8.74
CA LYS A 164 -8.14 -22.22 -9.10
C LYS A 164 -8.82 -22.74 -7.85
N SER A 165 -8.04 -23.10 -6.83
CA SER A 165 -8.68 -23.57 -5.60
C SER A 165 -9.08 -22.41 -4.68
N TYR A 166 -8.45 -21.24 -4.83
CA TYR A 166 -8.84 -20.09 -3.99
C TYR A 166 -10.20 -19.53 -4.36
N VAL A 167 -10.56 -19.62 -5.64
CA VAL A 167 -11.75 -18.96 -6.13
C VAL A 167 -13.00 -19.45 -5.41
N PRO A 168 -13.29 -20.76 -5.41
CA PRO A 168 -14.49 -21.15 -4.67
C PRO A 168 -14.44 -20.83 -3.16
N LEU A 169 -13.25 -20.80 -2.58
CA LEU A 169 -13.10 -20.48 -1.16
C LEU A 169 -13.47 -19.02 -0.90
N ILE A 170 -12.93 -18.15 -1.75
CA ILE A 170 -13.22 -16.71 -1.69
C ILE A 170 -14.73 -16.49 -1.92
N ALA A 171 -15.28 -17.22 -2.88
CA ALA A 171 -16.72 -17.07 -3.19
C ALA A 171 -17.61 -17.51 -2.00
N GLU A 172 -17.26 -18.63 -1.38
CA GLU A 172 -18.01 -19.09 -0.21
C GLU A 172 -17.98 -18.04 0.90
N GLU A 173 -16.82 -17.48 1.17
CA GLU A 173 -16.70 -16.41 2.16
C GLU A 173 -17.55 -15.18 1.82
N VAL A 174 -17.62 -14.82 0.55
CA VAL A 174 -18.40 -13.65 0.20
C VAL A 174 -19.89 -13.95 0.45
N TYR A 175 -20.31 -15.15 0.08
CA TYR A 175 -21.70 -15.53 0.29
C TYR A 175 -22.05 -15.63 1.77
N LYS A 176 -21.15 -16.23 2.58
CA LYS A 176 -21.39 -16.31 4.01
C LYS A 176 -21.49 -14.91 4.56
N TYR A 177 -20.70 -13.99 4.00
CA TYR A 177 -20.70 -12.62 4.50
C TYR A 177 -22.02 -11.89 4.18
N PHE A 178 -22.53 -12.11 2.97
CA PHE A 178 -23.83 -11.55 2.60
C PHE A 178 -24.91 -12.15 3.51
N ARG A 179 -24.74 -13.43 3.83
CA ARG A 179 -25.72 -14.12 4.67
C ARG A 179 -25.67 -13.67 6.15
N ASP A 180 -24.48 -13.58 6.72
CA ASP A 180 -24.38 -13.44 8.18
C ASP A 180 -24.08 -12.03 8.67
N SER A 181 -23.40 -11.20 7.88
CA SER A 181 -23.01 -9.90 8.42
C SER A 181 -24.20 -9.01 8.63
N LYS A 182 -24.15 -8.25 9.71
CA LYS A 182 -25.19 -7.30 10.06
C LYS A 182 -25.42 -6.30 8.93
N ASN A 183 -24.36 -6.01 8.18
CA ASN A 183 -24.41 -5.06 7.07
C ASN A 183 -25.23 -5.56 5.88
N PHE A 184 -25.54 -6.84 5.86
CA PHE A 184 -26.27 -7.42 4.76
C PHE A 184 -27.48 -8.23 5.25
N ARG A 185 -27.26 -9.51 5.56
CA ARG A 185 -28.36 -10.40 5.96
C ARG A 185 -29.35 -10.53 4.82
N LEU A 186 -28.87 -11.06 3.70
CA LEU A 186 -29.66 -11.03 2.46
C LEU A 186 -30.87 -11.93 2.54
N ASN A 187 -30.88 -12.82 3.54
CA ASN A 187 -32.03 -13.70 3.75
C ASN A 187 -33.17 -13.00 4.49
N GLU A 188 -32.87 -11.85 5.08
CA GLU A 188 -33.83 -11.16 5.91
C GLU A 188 -34.13 -9.76 5.40
N ARG A 189 -33.17 -9.18 4.66
CA ARG A 189 -33.31 -7.82 4.14
C ARG A 189 -33.10 -7.81 2.65
N THR A 190 -33.91 -7.05 1.94
CA THR A 190 -33.78 -6.96 0.50
C THR A 190 -33.10 -5.65 0.12
N THR A 191 -33.04 -4.71 1.06
CA THR A 191 -32.32 -3.47 0.84
C THR A 191 -31.65 -3.02 2.11
N GLY A 192 -30.66 -2.14 2.00
CA GLY A 192 -29.95 -1.68 3.18
C GLY A 192 -28.82 -0.73 2.86
N THR A 193 -28.26 -0.13 3.91
CA THR A 193 -27.19 0.86 3.78
C THR A 193 -25.91 0.35 4.45
N ILE A 194 -24.76 0.49 3.79
CA ILE A 194 -23.49 0.09 4.40
C ILE A 194 -22.46 1.20 4.29
N ASP A 195 -21.52 1.22 5.24
CA ASP A 195 -20.30 2.03 5.12
C ASP A 195 -19.26 1.13 4.47
N VAL A 196 -18.78 1.47 3.27
CA VAL A 196 -17.87 0.56 2.56
C VAL A 196 -16.51 0.44 3.24
N MET A 197 -16.19 1.38 4.13
CA MET A 197 -14.96 1.25 4.90
C MET A 197 -15.17 0.36 6.13
N VAL A 198 -16.37 -0.16 6.31
CA VAL A 198 -16.61 -1.19 7.30
C VAL A 198 -16.69 -2.55 6.63
N THR A 199 -17.45 -2.66 5.54
CA THR A 199 -17.65 -3.94 4.88
C THR A 199 -16.42 -4.48 4.15
N GLN A 200 -15.71 -3.62 3.41
CA GLN A 200 -14.62 -4.12 2.60
C GLN A 200 -13.41 -4.59 3.44
N PRO A 201 -13.01 -3.84 4.48
CA PRO A 201 -11.93 -4.42 5.29
C PRO A 201 -12.31 -5.78 5.93
N GLU A 202 -13.56 -5.92 6.38
CA GLU A 202 -14.04 -7.21 6.89
C GLU A 202 -14.08 -8.30 5.82
N MET A 203 -14.61 -7.98 4.63
CA MET A 203 -14.69 -8.99 3.58
C MET A 203 -13.30 -9.36 3.07
N THR A 204 -12.40 -8.39 3.05
CA THR A 204 -11.04 -8.65 2.62
C THR A 204 -10.28 -9.57 3.58
N ILE A 205 -10.47 -9.41 4.88
CA ILE A 205 -9.72 -10.23 5.84
C ILE A 205 -10.31 -11.66 5.84
N PHE A 206 -11.64 -11.77 5.79
CA PHE A 206 -12.28 -13.08 5.72
C PHE A 206 -11.82 -13.87 4.50
N THR A 207 -11.79 -13.24 3.31
CA THR A 207 -11.41 -13.97 2.09
C THR A 207 -9.92 -14.24 2.00
N ALA A 208 -9.09 -13.26 2.37
CA ALA A 208 -7.64 -13.46 2.32
C ALA A 208 -7.18 -14.52 3.34
N SER A 209 -7.78 -14.50 4.53
CA SER A 209 -7.47 -15.51 5.56
C SER A 209 -7.80 -16.92 5.08
N ARG A 210 -9.06 -17.11 4.70
CA ARG A 210 -9.54 -18.42 4.30
C ARG A 210 -8.65 -19.06 3.22
N SER A 211 -8.16 -18.25 2.28
CA SER A 211 -7.42 -18.77 1.14
C SER A 211 -5.90 -18.82 1.39
N LEU A 212 -5.32 -17.75 1.90
CA LEU A 212 -3.88 -17.76 2.15
C LEU A 212 -3.46 -18.41 3.48
N LEU A 213 -4.31 -18.33 4.50
CA LEU A 213 -3.95 -18.85 5.84
C LEU A 213 -4.56 -20.21 6.14
N GLY A 214 -5.76 -20.47 5.61
CA GLY A 214 -6.43 -21.75 5.77
C GLY A 214 -7.61 -21.62 6.70
N LYS A 215 -8.34 -22.73 6.91
CA LYS A 215 -9.60 -22.62 7.64
C LYS A 215 -9.36 -22.36 9.11
N GLU A 216 -8.29 -22.93 9.71
CA GLU A 216 -8.03 -22.70 11.14
C GLU A 216 -7.98 -21.21 11.40
N MET A 217 -7.12 -20.51 10.66
CA MET A 217 -6.96 -19.06 10.87
C MET A 217 -8.22 -18.32 10.54
N ARG A 218 -8.92 -18.78 9.50
CA ARG A 218 -10.21 -18.19 9.18
C ARG A 218 -11.15 -18.37 10.36
N ALA A 219 -11.19 -19.56 10.94
CA ALA A 219 -12.11 -19.82 12.05
C ALA A 219 -11.84 -18.89 13.23
N LYS A 220 -10.56 -18.59 13.47
CA LYS A 220 -10.15 -17.65 14.52
C LYS A 220 -10.82 -16.29 14.38
N LEU A 221 -11.10 -15.89 13.15
CA LEU A 221 -11.67 -14.57 12.92
C LEU A 221 -13.10 -14.51 13.46
N ASP A 222 -13.74 -15.67 13.62
CA ASP A 222 -15.08 -15.70 14.20
C ASP A 222 -15.07 -15.57 15.71
N THR A 223 -13.93 -15.18 16.29
CA THR A 223 -13.83 -14.96 17.73
C THR A 223 -13.20 -13.62 18.10
N ASP A 224 -12.92 -13.46 19.39
CA ASP A 224 -12.36 -12.21 19.91
C ASP A 224 -10.91 -12.03 19.45
N PHE A 225 -10.33 -13.12 18.98
CA PHE A 225 -9.05 -13.07 18.29
C PHE A 225 -9.03 -11.96 17.23
N ALA A 226 -10.13 -11.83 16.49
CA ALA A 226 -10.24 -10.85 15.41
C ALA A 226 -9.78 -9.46 15.86
N TYR A 227 -10.03 -9.14 17.12
CA TYR A 227 -9.63 -7.85 17.68
C TYR A 227 -8.14 -7.59 17.59
N LEU A 228 -7.34 -8.64 17.68
CA LEU A 228 -5.87 -8.48 17.62
C LEU A 228 -5.44 -7.87 16.27
N TYR A 229 -6.14 -8.23 15.19
CA TYR A 229 -5.81 -7.68 13.88
C TYR A 229 -6.11 -6.19 13.82
N SER A 230 -7.19 -5.80 14.48
CA SER A 230 -7.51 -4.39 14.64
C SER A 230 -6.35 -3.69 15.34
N ASP A 231 -5.90 -4.29 16.45
CA ASP A 231 -4.76 -3.78 17.22
C ASP A 231 -3.47 -3.70 16.42
N LEU A 232 -3.20 -4.73 15.66
CA LEU A 232 -1.95 -4.82 14.93
C LEU A 232 -1.91 -3.75 13.85
N ASP A 233 -3.08 -3.49 13.28
CA ASP A 233 -3.23 -2.49 12.22
C ASP A 233 -3.07 -1.07 12.79
N LYS A 234 -3.37 -0.90 14.08
CA LYS A 234 -3.12 0.38 14.77
C LYS A 234 -1.69 0.87 14.64
N GLY A 235 -0.74 -0.06 14.67
CA GLY A 235 0.67 0.29 14.59
C GLY A 235 1.10 0.57 13.16
N PHE A 236 0.20 0.28 12.23
CA PHE A 236 0.44 0.52 10.81
C PHE A 236 -0.22 1.86 10.43
N THR A 237 0.23 2.93 11.07
CA THR A 237 -0.14 4.31 10.71
C THR A 237 1.13 5.18 10.80
N PRO A 238 1.33 6.09 9.82
CA PRO A 238 2.65 6.73 9.74
C PRO A 238 2.97 7.80 10.81
N ILE A 239 2.22 7.84 11.91
CA ILE A 239 2.68 8.56 13.10
C ILE A 239 3.86 7.76 13.66
N ASN A 240 3.91 6.49 13.25
CA ASN A 240 4.98 5.59 13.63
C ASN A 240 6.24 5.67 12.74
N PHE A 241 6.19 6.43 11.64
CA PHE A 241 7.44 6.76 10.92
C PHE A 241 8.11 7.95 11.58
N VAL A 242 7.29 8.88 12.08
CA VAL A 242 7.81 9.97 12.89
C VAL A 242 8.23 9.40 14.23
N PHE A 243 7.38 8.54 14.77
CA PHE A 243 7.58 8.00 16.11
C PHE A 243 7.47 6.47 16.15
N PRO A 244 8.57 5.77 15.80
CA PRO A 244 8.57 4.30 15.67
C PRO A 244 8.22 3.62 16.98
N ASN A 245 8.78 4.15 18.07
CA ASN A 245 8.48 3.63 19.38
C ASN A 245 8.40 4.73 20.42
N LEU A 246 7.16 5.00 20.84
CA LEU A 246 6.92 5.87 21.99
C LEU A 246 6.27 5.04 23.09
N PRO A 247 6.79 5.19 24.33
CA PRO A 247 6.31 4.42 25.49
C PRO A 247 4.89 4.76 25.97
N LEU A 248 3.96 5.04 25.07
CA LEU A 248 2.54 5.19 25.43
C LEU A 248 1.88 3.82 25.26
N GLU A 249 0.59 3.72 25.58
CA GLU A 249 -0.26 2.60 25.14
C GLU A 249 -0.27 2.53 23.62
N HIS A 250 -1.35 2.05 23.01
CA HIS A 250 -1.45 1.98 21.55
C HIS A 250 -0.31 1.17 20.92
N TYR A 251 0.93 1.61 21.14
CA TYR A 251 2.12 0.87 20.75
C TYR A 251 2.18 -0.49 21.38
N ARG A 252 1.42 -0.67 22.45
CA ARG A 252 1.50 -1.89 23.23
C ARG A 252 0.50 -2.93 22.79
N LYS A 253 -0.64 -2.51 22.24
CA LYS A 253 -1.53 -3.49 21.65
C LYS A 253 -0.93 -3.96 20.34
N ARG A 254 -0.27 -3.04 19.63
CA ARG A 254 0.50 -3.36 18.44
C ARG A 254 1.50 -4.49 18.73
N ASP A 255 2.40 -4.24 19.68
CA ASP A 255 3.40 -5.21 20.06
C ASP A 255 2.77 -6.49 20.59
N HIS A 256 1.71 -6.34 21.37
CA HIS A 256 1.02 -7.49 21.93
C HIS A 256 0.38 -8.31 20.82
N ALA A 257 -0.24 -7.61 19.87
CA ALA A 257 -0.91 -8.25 18.74
C ALA A 257 0.08 -9.04 17.90
N GLN A 258 1.21 -8.40 17.56
CA GLN A 258 2.24 -9.07 16.78
C GLN A 258 2.69 -10.36 17.47
N LYS A 259 2.91 -10.29 18.78
CA LYS A 259 3.31 -11.50 19.52
C LYS A 259 2.19 -12.54 19.53
N ALA A 260 0.97 -12.11 19.83
CA ALA A 260 -0.16 -13.03 19.93
C ALA A 260 -0.56 -13.65 18.58
N ILE A 261 -0.64 -12.82 17.54
CA ILE A 261 -0.91 -13.32 16.20
C ILE A 261 0.24 -14.21 15.70
N SER A 262 1.50 -13.79 15.81
CA SER A 262 2.57 -14.67 15.32
C SER A 262 2.61 -15.98 16.14
N GLY A 263 2.29 -15.87 17.42
CA GLY A 263 2.19 -17.04 18.28
C GLY A 263 1.14 -18.02 17.76
N THR A 264 -0.02 -17.50 17.37
CA THR A 264 -1.09 -18.34 16.82
C THR A 264 -0.62 -19.04 15.54
N TYR A 265 0.10 -18.33 14.67
CA TYR A 265 0.63 -18.96 13.44
C TYR A 265 1.71 -20.04 13.77
N MET A 266 2.65 -19.72 14.65
CA MET A 266 3.68 -20.72 15.04
C MET A 266 3.04 -21.97 15.68
N SER A 267 2.03 -21.75 16.51
CA SER A 267 1.25 -22.85 17.04
C SER A 267 0.75 -23.77 15.92
N LEU A 268 0.09 -23.20 14.91
CA LEU A 268 -0.45 -23.99 13.82
C LEU A 268 0.65 -24.70 13.07
N ILE A 269 1.71 -23.95 12.77
CA ILE A 269 2.88 -24.49 12.09
C ILE A 269 3.50 -25.67 12.85
N LYS A 270 3.68 -25.50 14.15
CA LYS A 270 4.36 -26.53 14.92
C LYS A 270 3.46 -27.75 15.09
N GLU A 271 2.15 -27.52 15.06
CA GLU A 271 1.22 -28.65 15.15
C GLU A 271 1.13 -29.43 13.85
N ARG A 272 1.25 -28.75 12.72
CA ARG A 272 1.22 -29.47 11.44
C ARG A 272 2.46 -30.35 11.29
N ARG A 273 3.63 -29.81 11.62
CA ARG A 273 4.88 -30.57 11.47
C ARG A 273 4.92 -31.75 12.45
N LYS A 274 4.28 -31.58 13.60
CA LYS A 274 4.19 -32.64 14.60
C LYS A 274 3.24 -33.76 14.16
N ASN A 275 2.16 -33.41 13.48
CA ASN A 275 1.19 -34.40 13.04
C ASN A 275 1.41 -34.88 11.61
N ASN A 276 2.56 -34.52 11.03
CA ASN A 276 2.86 -34.78 9.61
C ASN A 276 1.84 -34.16 8.63
N ASP A 277 1.01 -33.25 9.12
CA ASP A 277 -0.06 -32.65 8.34
C ASP A 277 0.41 -31.46 7.49
N ILE A 278 1.27 -31.72 6.52
CA ILE A 278 1.73 -30.67 5.62
C ILE A 278 1.40 -31.00 4.17
N GLN A 279 0.32 -30.41 3.69
CA GLN A 279 -0.15 -30.63 2.34
C GLN A 279 0.12 -29.43 1.43
N ASP A 280 -0.85 -29.11 0.58
CA ASP A 280 -0.71 -28.02 -0.38
C ASP A 280 -1.89 -27.06 -0.34
N ARG A 281 -2.43 -26.82 0.85
CA ARG A 281 -3.64 -26.03 1.02
C ARG A 281 -3.40 -24.51 1.02
N ASP A 282 -2.39 -24.09 1.78
CA ASP A 282 -2.20 -22.70 2.21
C ASP A 282 -0.87 -22.13 1.83
N LEU A 283 -0.72 -20.83 2.10
CA LEU A 283 0.59 -20.20 2.15
C LEU A 283 1.38 -20.78 3.33
N ILE A 284 0.68 -21.25 4.35
CA ILE A 284 1.33 -21.84 5.50
C ILE A 284 2.00 -23.19 5.15
N ASP A 285 1.23 -24.14 4.60
CA ASP A 285 1.79 -25.37 4.05
C ASP A 285 2.97 -25.04 3.16
N SER A 286 2.78 -24.05 2.32
CA SER A 286 3.75 -23.68 1.32
C SER A 286 5.07 -23.21 1.93
N LEU A 287 5.01 -22.32 2.91
CA LEU A 287 6.23 -21.83 3.53
C LEU A 287 6.86 -22.91 4.41
N MET A 288 6.05 -23.83 4.93
CA MET A 288 6.62 -24.94 5.69
C MET A 288 7.46 -25.83 4.77
N LYS A 289 7.00 -26.03 3.53
CA LYS A 289 7.73 -26.91 2.60
C LYS A 289 8.83 -26.19 1.87
N ASN A 290 8.83 -24.86 1.91
CA ASN A 290 9.65 -24.11 0.96
C ASN A 290 10.06 -22.76 1.52
N SER A 291 10.96 -22.79 2.49
CA SER A 291 11.48 -21.57 3.04
C SER A 291 12.94 -21.73 3.43
N THR A 292 13.72 -22.34 2.54
CA THR A 292 15.15 -22.44 2.74
C THR A 292 15.90 -21.56 1.75
N TYR A 293 16.64 -20.62 2.30
CA TYR A 293 17.48 -19.72 1.53
C TYR A 293 18.57 -20.46 0.76
N LYS A 294 19.16 -19.76 -0.20
CA LYS A 294 20.09 -20.36 -1.15
C LYS A 294 21.44 -20.64 -0.49
N ASP A 295 21.70 -20.06 0.67
CA ASP A 295 22.92 -20.37 1.41
C ASP A 295 22.66 -21.45 2.47
N GLY A 296 21.51 -22.12 2.38
CA GLY A 296 21.23 -23.25 3.26
C GLY A 296 20.46 -22.97 4.55
N VAL A 297 20.42 -21.70 4.98
CA VAL A 297 19.67 -21.32 6.18
C VAL A 297 18.17 -21.42 5.98
N LYS A 298 17.49 -22.08 6.91
CA LYS A 298 16.04 -22.17 6.91
C LYS A 298 15.47 -21.00 7.71
N MET A 299 14.33 -20.47 7.25
CA MET A 299 13.56 -19.51 8.06
C MET A 299 13.09 -20.19 9.35
N THR A 300 13.14 -19.46 10.47
CA THR A 300 12.58 -19.99 11.71
C THR A 300 11.08 -19.97 11.66
N ASP A 301 10.44 -20.64 12.60
CA ASP A 301 8.98 -20.58 12.67
C ASP A 301 8.52 -19.17 12.98
N GLN A 302 9.33 -18.43 13.73
CA GLN A 302 8.99 -17.06 14.05
C GLN A 302 9.03 -16.18 12.79
N GLU A 303 10.06 -16.35 11.97
CA GLU A 303 10.23 -15.58 10.75
C GLU A 303 9.17 -15.95 9.71
N ILE A 304 8.79 -17.21 9.65
CA ILE A 304 7.71 -17.64 8.77
C ILE A 304 6.40 -16.94 9.15
N ALA A 305 6.09 -16.95 10.44
CA ALA A 305 4.90 -16.28 10.94
C ALA A 305 4.95 -14.75 10.72
N ASN A 306 6.10 -14.13 10.94
CA ASN A 306 6.20 -12.68 10.73
C ASN A 306 6.00 -12.33 9.25
N LEU A 307 6.44 -13.23 8.38
CA LEU A 307 6.31 -13.06 6.95
C LEU A 307 4.81 -13.19 6.56
N LEU A 308 4.10 -14.11 7.23
CA LEU A 308 2.65 -14.25 7.02
C LEU A 308 1.91 -12.99 7.40
N ILE A 309 2.32 -12.37 8.51
CA ILE A 309 1.70 -11.14 8.97
C ILE A 309 1.91 -10.02 7.96
N GLY A 310 3.14 -9.87 7.48
CA GLY A 310 3.45 -8.82 6.53
C GLY A 310 2.69 -9.00 5.24
N VAL A 311 2.66 -10.24 4.74
CA VAL A 311 2.02 -10.51 3.49
C VAL A 311 0.51 -10.26 3.59
N LEU A 312 -0.12 -10.80 4.62
CA LEU A 312 -1.54 -10.60 4.84
C LEU A 312 -1.90 -9.14 5.10
N MET A 313 -1.03 -8.41 5.78
CA MET A 313 -1.40 -7.07 6.13
C MET A 313 -1.25 -6.12 4.93
N GLY A 314 -0.14 -6.26 4.21
CA GLY A 314 0.10 -5.51 2.99
C GLY A 314 -1.05 -5.72 2.01
N GLY A 315 -1.37 -6.98 1.75
CA GLY A 315 -2.48 -7.32 0.88
C GLY A 315 -3.85 -6.92 1.40
N GLN A 316 -3.98 -6.87 2.74
CA GLN A 316 -5.23 -6.44 3.37
C GLN A 316 -5.60 -5.03 3.01
N HIS A 317 -4.67 -4.11 3.22
CA HIS A 317 -4.92 -2.69 3.05
C HIS A 317 -5.04 -2.24 1.58
N THR A 318 -4.23 -2.79 0.68
CA THR A 318 -4.32 -2.42 -0.73
C THR A 318 -5.62 -2.92 -1.34
N SER A 319 -6.00 -4.16 -1.04
CA SER A 319 -7.18 -4.74 -1.63
C SER A 319 -8.49 -4.15 -1.08
N ALA A 320 -8.57 -3.99 0.24
CA ALA A 320 -9.80 -3.46 0.83
C ALA A 320 -10.02 -2.01 0.37
N ALA A 321 -8.94 -1.25 0.19
CA ALA A 321 -9.09 0.11 -0.25
C ALA A 321 -9.64 0.11 -1.68
N THR A 322 -9.17 -0.85 -2.47
CA THR A 322 -9.53 -0.90 -3.89
C THR A 322 -10.97 -1.35 -4.13
N SER A 323 -11.45 -2.35 -3.36
CA SER A 323 -12.85 -2.77 -3.54
C SER A 323 -13.76 -1.67 -3.00
N ALA A 324 -13.30 -0.94 -1.98
CA ALA A 324 -14.04 0.22 -1.50
C ALA A 324 -14.21 1.25 -2.62
N TRP A 325 -13.13 1.58 -3.34
CA TRP A 325 -13.21 2.53 -4.43
C TRP A 325 -14.03 2.02 -5.60
N ILE A 326 -13.90 0.73 -5.94
CA ILE A 326 -14.72 0.15 -7.00
C ILE A 326 -16.21 0.33 -6.70
N LEU A 327 -16.63 -0.03 -5.50
CA LEU A 327 -18.02 0.12 -5.08
C LEU A 327 -18.45 1.59 -5.11
N LEU A 328 -17.57 2.49 -4.67
CA LEU A 328 -17.90 3.90 -4.65
C LEU A 328 -18.04 4.52 -6.06
N HIS A 329 -17.16 4.13 -6.98
CA HIS A 329 -17.31 4.58 -8.36
C HIS A 329 -18.51 3.96 -9.06
N LEU A 330 -18.78 2.68 -8.83
CA LEU A 330 -19.90 2.04 -9.51
C LEU A 330 -21.24 2.52 -8.98
N ALA A 331 -21.28 3.01 -7.74
CA ALA A 331 -22.53 3.49 -7.14
C ALA A 331 -23.14 4.72 -7.85
N GLU A 332 -22.32 5.48 -8.59
CA GLU A 332 -22.85 6.61 -9.34
C GLU A 332 -22.77 6.31 -10.84
N ARG A 333 -22.55 5.06 -11.16
CA ARG A 333 -22.40 4.64 -12.53
C ARG A 333 -23.17 3.38 -12.75
N PRO A 334 -24.51 3.46 -12.67
CA PRO A 334 -25.41 2.33 -12.94
C PRO A 334 -25.23 1.72 -14.31
N ASP A 335 -24.74 2.51 -15.26
CA ASP A 335 -24.43 2.04 -16.62
C ASP A 335 -23.27 1.04 -16.62
N VAL A 336 -22.24 1.31 -15.83
CA VAL A 336 -21.14 0.35 -15.67
C VAL A 336 -21.62 -0.93 -14.93
N GLN A 337 -22.48 -0.80 -13.91
CA GLN A 337 -23.02 -1.99 -13.22
C GLN A 337 -23.79 -2.89 -14.20
N GLN A 338 -24.65 -2.25 -14.99
CA GLN A 338 -25.47 -2.90 -16.01
C GLN A 338 -24.60 -3.65 -17.02
N GLU A 339 -23.62 -2.93 -17.57
CA GLU A 339 -22.63 -3.54 -18.46
C GLU A 339 -21.85 -4.70 -17.79
N LEU A 340 -21.42 -4.51 -16.55
CA LEU A 340 -20.72 -5.61 -15.88
C LEU A 340 -21.64 -6.79 -15.65
N TYR A 341 -22.91 -6.52 -15.37
CA TYR A 341 -23.88 -7.58 -15.17
C TYR A 341 -24.09 -8.42 -16.43
N GLU A 342 -24.21 -7.76 -17.58
CA GLU A 342 -24.41 -8.44 -18.86
C GLU A 342 -23.23 -9.38 -19.16
N GLU A 343 -22.03 -8.94 -18.82
CA GLU A 343 -20.83 -9.77 -19.00
C GLU A 343 -20.91 -10.98 -18.08
N GLN A 344 -21.33 -10.76 -16.85
CA GLN A 344 -21.56 -11.87 -15.94
C GLN A 344 -22.56 -12.90 -16.51
N MET A 345 -23.63 -12.39 -17.11
CA MET A 345 -24.67 -13.28 -17.64
C MET A 345 -24.18 -14.04 -18.85
N ARG A 346 -23.36 -13.42 -19.68
CA ARG A 346 -22.81 -14.07 -20.85
C ARG A 346 -21.72 -15.10 -20.53
N VAL A 347 -20.81 -14.77 -19.63
CA VAL A 347 -19.68 -15.66 -19.33
C VAL A 347 -20.13 -16.82 -18.45
N LEU A 348 -21.09 -16.58 -17.56
CA LEU A 348 -21.50 -17.61 -16.61
C LEU A 348 -22.83 -18.26 -17.01
N ASP A 349 -23.25 -18.01 -18.25
CA ASP A 349 -24.42 -18.68 -18.82
C ASP A 349 -25.68 -18.41 -17.99
N GLY A 350 -26.00 -17.14 -17.80
CA GLY A 350 -27.18 -16.75 -17.05
C GLY A 350 -27.02 -17.01 -15.57
N GLY A 351 -25.79 -17.29 -15.14
CA GLY A 351 -25.51 -17.61 -13.76
C GLY A 351 -25.68 -19.08 -13.43
N LYS A 352 -25.80 -19.91 -14.46
CA LYS A 352 -25.93 -21.35 -14.27
C LYS A 352 -24.56 -22.06 -14.39
N LYS A 353 -23.50 -21.28 -14.62
CA LYS A 353 -22.14 -21.78 -14.52
C LYS A 353 -21.51 -21.30 -13.24
N GLU A 354 -20.79 -22.18 -12.55
CA GLU A 354 -20.08 -21.74 -11.37
C GLU A 354 -18.84 -20.96 -11.77
N LEU A 355 -18.58 -19.88 -11.05
CA LEU A 355 -17.39 -19.08 -11.25
C LEU A 355 -16.10 -19.90 -10.99
N THR A 356 -15.17 -19.87 -11.94
CA THR A 356 -13.88 -20.54 -11.81
C THR A 356 -12.79 -19.52 -12.11
N TYR A 357 -11.53 -19.86 -11.82
CA TYR A 357 -10.44 -18.95 -12.13
C TYR A 357 -10.30 -18.71 -13.63
N ASP A 358 -10.61 -19.71 -14.44
CA ASP A 358 -10.54 -19.58 -15.89
C ASP A 358 -11.64 -18.65 -16.44
N LEU A 359 -12.82 -18.72 -15.83
CA LEU A 359 -13.94 -17.90 -16.29
C LEU A 359 -13.69 -16.43 -15.93
N LEU A 360 -13.02 -16.20 -14.80
CA LEU A 360 -12.57 -14.85 -14.43
C LEU A 360 -11.74 -14.18 -15.53
N GLN A 361 -10.88 -14.96 -16.17
CA GLN A 361 -9.97 -14.42 -17.19
C GLN A 361 -10.72 -14.05 -18.46
N GLU A 362 -11.97 -14.49 -18.57
CA GLU A 362 -12.83 -14.15 -19.68
C GLU A 362 -13.86 -13.10 -19.32
N MET A 363 -13.54 -12.28 -18.32
CA MET A 363 -14.40 -11.16 -17.93
C MET A 363 -13.61 -9.87 -18.05
N PRO A 364 -13.32 -9.45 -19.30
CA PRO A 364 -12.47 -8.28 -19.51
C PRO A 364 -13.02 -6.99 -18.88
N LEU A 365 -14.33 -6.75 -18.95
CA LEU A 365 -14.84 -5.49 -18.39
C LEU A 365 -14.69 -5.47 -16.86
N LEU A 366 -14.93 -6.60 -16.21
CA LEU A 366 -14.70 -6.69 -14.78
C LEU A 366 -13.22 -6.35 -14.45
N ASN A 367 -12.30 -6.93 -15.20
CA ASN A 367 -10.88 -6.70 -14.94
C ASN A 367 -10.43 -5.28 -15.30
N GLN A 368 -11.03 -4.72 -16.32
CA GLN A 368 -10.77 -3.34 -16.68
C GLN A 368 -11.25 -2.38 -15.60
N THR A 369 -12.34 -2.73 -14.92
CA THR A 369 -12.88 -1.92 -13.82
C THR A 369 -11.88 -1.87 -12.65
N ILE A 370 -11.31 -3.01 -12.29
CA ILE A 370 -10.21 -3.03 -11.32
C ILE A 370 -9.00 -2.18 -11.84
N LYS A 371 -8.62 -2.43 -13.09
CA LYS A 371 -7.49 -1.73 -13.67
C LYS A 371 -7.69 -0.22 -13.58
N GLU A 372 -8.91 0.22 -13.87
CA GLU A 372 -9.24 1.64 -13.90
C GLU A 372 -9.31 2.22 -12.49
N THR A 373 -9.84 1.43 -11.56
CA THR A 373 -9.87 1.87 -10.19
C THR A 373 -8.46 2.02 -9.64
N LEU A 374 -7.59 1.10 -10.02
CA LEU A 374 -6.19 1.18 -9.60
C LEU A 374 -5.45 2.32 -10.29
N ARG A 375 -5.97 2.78 -11.44
CA ARG A 375 -5.35 3.96 -12.05
C ARG A 375 -5.70 5.22 -11.28
N MET A 376 -6.98 5.37 -10.93
CA MET A 376 -7.43 6.58 -10.23
C MET A 376 -7.09 6.60 -8.77
N HIS A 377 -6.96 5.42 -8.20
CA HIS A 377 -6.75 5.31 -6.77
C HIS A 377 -5.62 4.32 -6.50
N HIS A 378 -4.41 4.72 -6.85
CA HIS A 378 -3.25 3.95 -6.40
C HIS A 378 -3.22 4.00 -4.90
N PRO A 379 -3.22 2.82 -4.28
CA PRO A 379 -3.31 2.79 -2.81
C PRO A 379 -2.01 3.25 -2.12
N LEU A 380 -0.91 3.32 -2.84
CA LEU A 380 0.32 3.82 -2.25
C LEU A 380 0.81 5.05 -3.01
N HIS A 381 0.52 6.25 -2.54
CA HIS A 381 0.80 7.44 -3.34
C HIS A 381 2.31 7.72 -3.49
N SER A 382 3.11 7.22 -2.56
CA SER A 382 4.54 7.49 -2.58
C SER A 382 5.33 6.25 -2.21
N LEU A 383 6.36 5.93 -3.00
CA LEU A 383 7.28 4.86 -2.62
C LEU A 383 8.66 5.50 -2.36
N PHE A 384 9.37 5.01 -1.35
CA PHE A 384 10.61 5.64 -0.91
C PHE A 384 11.80 4.71 -0.97
N ARG A 385 12.98 5.31 -1.16
CA ARG A 385 14.25 4.64 -0.89
C ARG A 385 15.17 5.64 -0.17
N LYS A 386 16.08 5.14 0.63
CA LYS A 386 17.14 6.00 1.17
C LYS A 386 18.33 5.93 0.22
N VAL A 387 18.88 7.08 -0.13
CA VAL A 387 20.04 7.10 -1.03
C VAL A 387 21.30 6.68 -0.26
N MET A 388 22.00 5.68 -0.76
CA MET A 388 23.17 5.12 -0.08
C MET A 388 24.49 5.64 -0.64
N LYS A 389 24.49 5.98 -1.93
CA LYS A 389 25.67 6.52 -2.61
C LYS A 389 25.24 7.71 -3.43
N ASP A 390 26.11 8.72 -3.55
CA ASP A 390 25.77 9.90 -4.33
C ASP A 390 25.30 9.46 -5.70
N MET A 391 24.17 10.01 -6.15
CA MET A 391 23.59 9.59 -7.43
C MET A 391 23.53 10.74 -8.43
N HIS A 392 24.04 10.50 -9.63
CA HIS A 392 23.91 11.46 -10.72
C HIS A 392 22.60 11.23 -11.46
N VAL A 393 21.84 12.30 -11.66
CA VAL A 393 20.65 12.23 -12.50
C VAL A 393 21.02 12.55 -13.96
N PRO A 394 20.92 11.54 -14.85
CA PRO A 394 21.47 11.76 -16.21
C PRO A 394 20.64 12.72 -17.10
N ASN A 395 21.31 13.26 -18.15
CA ASN A 395 21.05 14.56 -18.77
C ASN A 395 20.77 15.72 -17.79
N THR A 396 21.36 15.69 -16.60
CA THR A 396 21.35 16.85 -15.71
C THR A 396 22.69 16.95 -15.01
N SER A 397 22.84 18.07 -14.35
CA SER A 397 23.97 18.37 -13.49
C SER A 397 23.71 17.90 -12.06
N TYR A 398 22.53 17.34 -11.81
CA TYR A 398 22.11 16.99 -10.44
C TYR A 398 22.86 15.83 -9.85
N VAL A 399 23.12 15.94 -8.56
CA VAL A 399 23.66 14.86 -7.76
C VAL A 399 22.86 14.73 -6.47
N ILE A 400 22.22 13.57 -6.28
CA ILE A 400 21.49 13.31 -5.04
C ILE A 400 22.43 12.61 -4.08
N PRO A 401 22.86 13.33 -3.03
CA PRO A 401 23.87 12.79 -2.12
C PRO A 401 23.34 11.68 -1.22
N ALA A 402 24.24 10.79 -0.77
CA ALA A 402 23.84 9.78 0.19
C ALA A 402 23.23 10.46 1.42
N GLY A 403 22.22 9.84 2.02
CA GLY A 403 21.54 10.46 3.15
C GLY A 403 20.22 11.09 2.79
N TYR A 404 20.08 11.50 1.53
CA TYR A 404 18.79 11.92 0.99
C TYR A 404 17.88 10.73 0.80
N HIS A 405 16.60 11.00 0.62
CA HIS A 405 15.66 9.96 0.21
C HIS A 405 15.09 10.28 -1.17
N VAL A 406 14.87 9.25 -2.00
CA VAL A 406 14.17 9.46 -3.26
C VAL A 406 12.72 8.97 -3.12
N LEU A 407 11.80 9.71 -3.76
CA LEU A 407 10.38 9.45 -3.68
C LEU A 407 9.84 9.27 -5.08
N VAL A 408 9.20 8.14 -5.35
CA VAL A 408 8.62 7.91 -6.66
C VAL A 408 7.11 7.73 -6.49
N SER A 409 6.36 8.15 -7.50
CA SER A 409 4.91 8.23 -7.34
C SER A 409 4.16 7.92 -8.63
N PRO A 410 4.11 6.65 -9.02
CA PRO A 410 3.37 6.29 -10.23
C PRO A 410 1.88 6.66 -10.15
N GLY A 411 1.30 6.67 -8.94
CA GLY A 411 -0.08 7.13 -8.77
C GLY A 411 -0.35 8.56 -9.25
N TYR A 412 0.70 9.39 -9.26
CA TYR A 412 0.57 10.76 -9.69
C TYR A 412 0.52 10.82 -11.22
N THR A 413 1.42 10.07 -11.85
CA THR A 413 1.42 9.93 -13.30
C THR A 413 0.10 9.34 -13.84
N HIS A 414 -0.50 8.44 -13.05
CA HIS A 414 -1.79 7.82 -13.36
C HIS A 414 -2.86 8.90 -13.55
N LEU A 415 -2.68 10.01 -12.85
CA LEU A 415 -3.67 11.07 -12.88
C LEU A 415 -3.27 12.23 -13.79
N ARG A 416 -2.27 12.05 -14.67
CA ARG A 416 -1.88 13.10 -15.65
C ARG A 416 -2.55 12.96 -17.02
N ASP A 417 -3.22 14.02 -17.45
CA ASP A 417 -3.86 14.02 -18.77
C ASP A 417 -2.91 13.67 -19.90
N GLU A 418 -1.63 14.05 -19.81
CA GLU A 418 -0.67 13.73 -20.88
C GLU A 418 -0.63 12.24 -21.18
N TYR A 419 -0.85 11.41 -20.16
CA TYR A 419 -0.71 9.96 -20.31
C TYR A 419 -2.03 9.25 -20.29
N PHE A 420 -3.02 9.86 -19.65
CA PHE A 420 -4.35 9.26 -19.60
C PHE A 420 -5.37 10.37 -19.86
N PRO A 421 -5.78 10.52 -21.10
CA PRO A 421 -6.70 11.61 -21.45
C PRO A 421 -7.87 11.63 -20.47
N ASN A 422 -8.18 12.81 -19.93
CA ASN A 422 -9.28 12.97 -19.00
C ASN A 422 -9.06 12.11 -17.78
N ALA A 423 -7.91 12.32 -17.14
CA ALA A 423 -7.39 11.39 -16.14
C ALA A 423 -8.26 11.34 -14.89
N HIS A 424 -9.05 12.39 -14.64
CA HIS A 424 -9.89 12.39 -13.44
C HIS A 424 -11.30 11.88 -13.71
N GLN A 425 -11.52 11.38 -14.91
CA GLN A 425 -12.76 10.74 -15.28
C GLN A 425 -12.58 9.23 -15.20
N PHE A 426 -13.53 8.55 -14.56
CA PHE A 426 -13.52 7.10 -14.41
C PHE A 426 -14.07 6.46 -15.67
N ASN A 427 -13.24 5.72 -16.40
CA ASN A 427 -13.69 5.13 -17.67
C ASN A 427 -12.99 3.80 -17.94
N ILE A 428 -13.74 2.71 -17.85
CA ILE A 428 -13.10 1.39 -17.90
C ILE A 428 -12.79 1.05 -19.34
N HIS A 429 -13.39 1.81 -20.25
CA HIS A 429 -13.26 1.56 -21.67
C HIS A 429 -11.95 2.09 -22.23
N ARG A 430 -11.29 3.00 -21.49
CA ARG A 430 -9.93 3.40 -21.87
C ARG A 430 -8.99 2.17 -21.90
N TRP A 431 -9.46 1.03 -21.38
CA TRP A 431 -8.69 -0.24 -21.39
C TRP A 431 -9.23 -1.34 -22.30
N ASN A 432 -10.17 -1.01 -23.19
CA ASN A 432 -10.68 -1.97 -24.17
C ASN A 432 -9.58 -2.67 -24.93
N ASN A 433 -9.67 -4.00 -24.97
CA ASN A 433 -8.60 -4.86 -25.49
C ASN A 433 -7.25 -4.56 -24.87
N ASP A 434 -7.26 -4.20 -23.59
CA ASP A 434 -6.05 -4.12 -22.78
C ASP A 434 -6.47 -4.27 -21.31
N SER A 435 -7.01 -5.44 -21.01
CA SER A 435 -7.59 -5.71 -19.72
C SER A 435 -6.62 -6.40 -18.78
N ALA A 436 -5.36 -6.55 -19.20
CA ALA A 436 -4.36 -7.26 -18.38
C ALA A 436 -3.92 -6.38 -17.22
N SER A 437 -3.74 -7.01 -16.05
CA SER A 437 -3.43 -6.29 -14.83
C SER A 437 -2.15 -5.42 -14.99
N SER A 438 -1.24 -5.95 -15.78
CA SER A 438 -0.06 -5.22 -16.24
C SER A 438 0.51 -6.10 -17.34
N TYR A 439 1.56 -5.66 -18.01
CA TYR A 439 2.14 -6.47 -19.08
C TYR A 439 3.59 -6.04 -19.28
N SER A 440 4.51 -7.00 -19.31
CA SER A 440 5.91 -6.67 -19.55
C SER A 440 6.03 -6.15 -20.98
N VAL A 441 6.38 -4.88 -21.12
CA VAL A 441 6.34 -4.21 -22.41
C VAL A 441 7.47 -4.67 -23.34
N GLY A 442 8.39 -5.50 -22.83
CA GLY A 442 9.46 -6.07 -23.63
C GLY A 442 10.35 -7.10 -22.98
N GLU A 443 11.56 -6.66 -22.65
CA GLU A 443 12.58 -7.55 -22.07
C GLU A 443 12.41 -7.77 -20.55
N GLU A 444 12.84 -8.93 -20.06
CA GLU A 444 12.64 -9.28 -18.65
C GLU A 444 13.92 -9.61 -17.89
N VAL A 445 13.82 -9.61 -16.57
CA VAL A 445 14.96 -9.80 -15.70
C VAL A 445 14.47 -10.48 -14.41
N ASP A 446 15.35 -11.19 -13.72
CA ASP A 446 14.97 -11.93 -12.53
C ASP A 446 15.85 -11.53 -11.37
N TYR A 447 15.23 -11.09 -10.29
CA TYR A 447 15.98 -10.65 -9.12
C TYR A 447 15.98 -11.74 -8.05
N GLY A 448 15.32 -12.85 -8.34
CA GLY A 448 15.22 -13.92 -7.37
C GLY A 448 13.80 -14.39 -7.09
N PHE A 449 12.81 -13.68 -7.58
CA PHE A 449 11.44 -14.15 -7.38
C PHE A 449 10.66 -14.25 -8.70
N GLY A 450 11.37 -14.48 -9.81
CA GLY A 450 10.71 -14.62 -11.10
C GLY A 450 11.05 -13.51 -12.06
N ALA A 451 10.85 -13.77 -13.35
CA ALA A 451 11.22 -12.79 -14.37
C ALA A 451 10.16 -11.72 -14.44
N ILE A 452 10.60 -10.46 -14.45
CA ILE A 452 9.70 -9.33 -14.46
C ILE A 452 10.26 -8.32 -15.45
N SER A 453 9.44 -7.37 -15.86
CA SER A 453 9.85 -6.40 -16.86
C SER A 453 11.14 -5.69 -16.46
N LYS A 454 12.09 -5.66 -17.39
CA LYS A 454 13.34 -4.96 -17.14
C LYS A 454 13.13 -3.45 -17.15
N GLY A 455 12.38 -2.94 -18.14
CA GLY A 455 12.07 -1.53 -18.18
C GLY A 455 10.91 -1.21 -17.25
N VAL A 456 10.93 -0.02 -16.67
CA VAL A 456 9.90 0.36 -15.71
C VAL A 456 9.37 1.74 -16.10
N SER A 457 9.41 2.05 -17.41
CA SER A 457 9.00 3.37 -17.89
C SER A 457 7.53 3.48 -18.26
N SER A 458 6.76 2.41 -18.11
CA SER A 458 5.33 2.47 -18.34
C SER A 458 4.69 3.53 -17.44
N PRO A 459 3.86 4.40 -18.01
CA PRO A 459 3.19 5.40 -17.15
C PRO A 459 2.16 4.77 -16.22
N TYR A 460 1.69 3.58 -16.56
CA TYR A 460 0.80 2.83 -15.70
C TYR A 460 1.63 1.81 -14.93
N LEU A 461 1.87 2.08 -13.66
CA LEU A 461 2.72 1.22 -12.83
C LEU A 461 2.11 0.94 -11.46
N PRO A 462 0.93 0.33 -11.43
CA PRO A 462 0.28 0.22 -10.12
C PRO A 462 1.03 -0.76 -9.16
N PHE A 463 1.86 -1.65 -9.70
CA PHE A 463 2.50 -2.64 -8.85
C PHE A 463 3.99 -2.40 -8.69
N GLY A 464 4.38 -1.14 -8.93
CA GLY A 464 5.77 -0.72 -8.99
C GLY A 464 6.57 -1.48 -10.03
N GLY A 465 7.86 -1.59 -9.78
CA GLY A 465 8.74 -2.36 -10.66
C GLY A 465 10.13 -2.51 -10.07
N GLY A 466 10.96 -3.28 -10.77
CA GLY A 466 12.29 -3.57 -10.28
C GLY A 466 12.24 -4.57 -9.14
N ARG A 467 13.31 -4.64 -8.36
CA ARG A 467 13.46 -5.71 -7.36
C ARG A 467 12.37 -5.69 -6.27
N HIS A 468 11.72 -4.54 -6.07
CA HIS A 468 10.74 -4.42 -5.01
C HIS A 468 9.30 -4.54 -5.53
N ARG A 469 9.17 -4.92 -6.79
CA ARG A 469 7.89 -5.06 -7.46
C ARG A 469 6.95 -6.00 -6.70
N CYS A 470 5.65 -5.71 -6.76
CA CYS A 470 4.61 -6.49 -6.11
C CYS A 470 4.56 -7.92 -6.58
N ILE A 471 4.28 -8.85 -5.68
CA ILE A 471 4.06 -10.21 -6.12
C ILE A 471 2.65 -10.65 -5.82
N GLY A 472 1.81 -9.70 -5.39
CA GLY A 472 0.45 -10.01 -4.99
C GLY A 472 -0.57 -9.69 -6.07
N GLU A 473 -0.08 -9.13 -7.17
CA GLU A 473 -0.96 -8.68 -8.26
C GLU A 473 -2.01 -9.70 -8.71
N HIS A 474 -1.61 -10.95 -8.94
CA HIS A 474 -2.58 -11.88 -9.49
C HIS A 474 -3.52 -12.33 -8.42
N PHE A 475 -3.01 -12.39 -7.19
CA PHE A 475 -3.90 -12.69 -6.06
C PHE A 475 -4.91 -11.56 -5.84
N ALA A 476 -4.46 -10.30 -5.91
CA ALA A 476 -5.39 -9.18 -5.78
C ALA A 476 -6.49 -9.22 -6.86
N TYR A 477 -6.12 -9.55 -8.09
CA TYR A 477 -7.11 -9.59 -9.17
C TYR A 477 -8.09 -10.75 -8.95
N CYS A 478 -7.55 -11.87 -8.49
CA CYS A 478 -8.38 -13.03 -8.21
C CYS A 478 -9.39 -12.72 -7.11
N GLN A 479 -8.91 -12.16 -6.02
CA GLN A 479 -9.75 -11.78 -4.89
C GLN A 479 -10.74 -10.64 -5.25
N LEU A 480 -10.25 -9.55 -5.85
CA LEU A 480 -11.16 -8.48 -6.26
C LEU A 480 -12.14 -8.95 -7.31
N GLY A 481 -11.69 -9.79 -8.23
CA GLY A 481 -12.56 -10.33 -9.28
C GLY A 481 -13.69 -11.21 -8.78
N VAL A 482 -13.37 -12.18 -7.91
CA VAL A 482 -14.43 -13.02 -7.30
C VAL A 482 -15.42 -12.15 -6.53
N LEU A 483 -14.85 -11.33 -5.65
CA LEU A 483 -15.63 -10.35 -4.91
C LEU A 483 -16.61 -9.53 -5.78
N MET A 484 -16.09 -8.85 -6.81
CA MET A 484 -16.93 -7.98 -7.61
C MET A 484 -17.90 -8.76 -8.52
N SER A 485 -17.45 -9.90 -9.03
CA SER A 485 -18.34 -10.78 -9.77
C SER A 485 -19.62 -11.07 -8.98
N ILE A 486 -19.47 -11.34 -7.69
CA ILE A 486 -20.60 -11.72 -6.84
C ILE A 486 -21.43 -10.53 -6.41
N PHE A 487 -20.76 -9.41 -6.12
CA PHE A 487 -21.47 -8.18 -5.81
C PHE A 487 -22.40 -7.82 -6.96
N ILE A 488 -21.86 -7.89 -8.18
CA ILE A 488 -22.58 -7.50 -9.38
C ILE A 488 -23.78 -8.40 -9.64
N ARG A 489 -23.59 -9.71 -9.57
CA ARG A 489 -24.67 -10.65 -9.83
C ARG A 489 -25.73 -10.63 -8.71
N THR A 490 -25.38 -10.16 -7.52
CA THR A 490 -26.27 -10.23 -6.36
C THR A 490 -26.98 -8.90 -6.06
N LEU A 491 -26.26 -7.78 -6.19
CA LEU A 491 -26.81 -6.49 -5.80
C LEU A 491 -26.74 -5.44 -6.90
N LYS A 492 -27.66 -4.48 -6.83
CA LYS A 492 -27.46 -3.15 -7.41
C LYS A 492 -27.18 -2.23 -6.25
N TRP A 493 -26.57 -1.08 -6.50
CA TRP A 493 -26.32 -0.13 -5.41
C TRP A 493 -26.13 1.28 -5.92
N HIS A 494 -26.38 2.26 -5.04
CA HIS A 494 -26.38 3.67 -5.44
C HIS A 494 -26.10 4.51 -4.22
N TYR A 495 -25.91 5.80 -4.41
CA TYR A 495 -25.64 6.72 -3.30
C TYR A 495 -26.92 7.23 -2.65
N PRO A 496 -26.85 7.54 -1.35
CA PRO A 496 -27.96 8.32 -0.77
C PRO A 496 -28.01 9.68 -1.48
N GLU A 497 -29.18 10.32 -1.50
CA GLU A 497 -29.39 11.53 -2.28
C GLU A 497 -28.35 12.63 -2.00
N GLY A 498 -27.76 13.15 -3.07
CA GLY A 498 -26.78 14.21 -2.94
C GLY A 498 -25.35 13.78 -2.66
N LYS A 499 -25.14 12.51 -2.28
CA LYS A 499 -23.78 12.01 -2.02
C LYS A 499 -23.09 11.59 -3.32
N THR A 500 -21.76 11.70 -3.35
CA THR A 500 -20.97 11.30 -4.52
C THR A 500 -19.66 10.64 -4.07
N VAL A 501 -18.78 10.32 -5.03
CA VAL A 501 -17.48 9.73 -4.67
C VAL A 501 -16.74 10.64 -3.71
N PRO A 502 -16.34 10.09 -2.54
CA PRO A 502 -15.58 10.94 -1.61
C PRO A 502 -14.15 11.19 -2.11
N PRO A 503 -13.50 12.26 -1.58
CA PRO A 503 -12.08 12.50 -1.83
C PRO A 503 -11.21 11.52 -1.06
N PRO A 504 -9.97 11.31 -1.52
CA PRO A 504 -9.11 10.36 -0.81
C PRO A 504 -8.60 10.92 0.51
N ASP A 505 -8.48 10.06 1.51
CA ASP A 505 -7.78 10.39 2.75
C ASP A 505 -6.31 9.95 2.67
N PHE A 506 -5.44 10.87 2.24
CA PHE A 506 -4.04 10.54 1.96
C PHE A 506 -3.17 10.37 3.19
N THR A 507 -3.62 10.88 4.33
CA THR A 507 -2.82 10.86 5.55
C THR A 507 -2.65 9.45 6.11
N SER A 508 -3.49 8.53 5.66
CA SER A 508 -3.40 7.14 6.12
C SER A 508 -2.27 6.36 5.44
N MET A 509 -2.21 5.06 5.77
CA MET A 509 -1.27 4.13 5.13
C MET A 509 -1.54 3.97 3.63
N VAL A 510 -2.81 3.77 3.27
CA VAL A 510 -3.21 3.71 1.87
C VAL A 510 -4.22 4.83 1.57
N THR A 511 -4.37 5.21 0.29
CA THR A 511 -5.17 6.36 -0.08
C THR A 511 -6.68 6.09 0.00
N LEU A 512 -7.15 5.65 1.16
CA LEU A 512 -8.55 5.33 1.42
C LEU A 512 -9.54 6.45 1.19
N PRO A 513 -10.81 6.11 0.90
CA PRO A 513 -11.84 7.16 0.86
C PRO A 513 -12.11 7.74 2.24
N THR A 514 -12.40 9.03 2.26
CA THR A 514 -12.78 9.72 3.49
C THR A 514 -14.14 9.23 3.98
N GLY A 515 -14.14 8.55 5.13
CA GLY A 515 -15.36 8.01 5.69
C GLY A 515 -16.16 9.06 6.46
N PRO A 516 -17.44 8.75 6.75
CA PRO A 516 -18.10 7.52 6.27
C PRO A 516 -18.56 7.63 4.82
N ALA A 517 -18.26 6.58 4.07
CA ALA A 517 -18.58 6.52 2.67
C ALA A 517 -19.70 5.51 2.49
N LYS A 518 -20.94 5.97 2.39
CA LYS A 518 -22.08 5.06 2.43
C LYS A 518 -22.71 4.80 1.08
N ILE A 519 -23.21 3.59 0.89
CA ILE A 519 -23.95 3.26 -0.31
C ILE A 519 -25.16 2.44 0.10
N ILE A 520 -26.17 2.47 -0.76
CA ILE A 520 -27.43 1.80 -0.51
C ILE A 520 -27.52 0.62 -1.46
N TRP A 521 -27.73 -0.58 -0.94
CA TRP A 521 -27.79 -1.73 -1.81
C TRP A 521 -29.19 -2.30 -1.85
N GLU A 522 -29.45 -3.10 -2.87
CA GLU A 522 -30.68 -3.84 -2.91
C GLU A 522 -30.48 -5.07 -3.73
N LYS A 523 -31.21 -6.12 -3.37
CA LYS A 523 -31.10 -7.40 -4.04
C LYS A 523 -31.66 -7.35 -5.47
N ARG A 524 -30.94 -7.95 -6.41
CA ARG A 524 -31.43 -8.08 -7.78
C ARG A 524 -32.55 -9.09 -7.82
N ASN A 525 -32.45 -10.05 -6.90
CA ASN A 525 -33.43 -11.10 -6.73
C ASN A 525 -33.85 -11.15 -5.26
N PRO A 526 -34.85 -10.35 -4.87
CA PRO A 526 -35.27 -10.20 -3.47
C PRO A 526 -35.59 -11.54 -2.79
N GLU A 527 -35.97 -12.53 -3.59
CA GLU A 527 -36.36 -13.85 -3.10
C GLU A 527 -35.20 -14.84 -2.97
N GLN A 528 -34.05 -14.49 -3.53
CA GLN A 528 -32.86 -15.33 -3.48
C GLN A 528 -32.43 -15.60 -2.04
N LYS A 529 -32.20 -16.86 -1.70
CA LYS A 529 -31.72 -17.20 -0.35
C LYS A 529 -30.35 -17.86 -0.43
N ILE A 530 -29.46 -17.45 0.46
CA ILE A 530 -28.16 -18.08 0.58
C ILE A 530 -28.23 -19.22 1.59
N GLY A 531 -27.85 -20.42 1.16
CA GLY A 531 -27.97 -21.61 1.99
C GLY A 531 -26.94 -21.69 3.12
N GLY A 532 -26.96 -22.80 3.86
CA GLY A 532 -26.01 -23.02 4.95
C GLY A 532 -26.56 -22.63 6.31
N ARG A 533 -25.95 -23.13 7.38
CA ARG A 533 -26.43 -22.91 8.74
C ARG A 533 -25.86 -21.63 9.39
N HIS A 534 -26.69 -20.92 10.16
CA HIS A 534 -26.20 -19.75 10.91
C HIS A 534 -26.98 -19.53 12.21
N HIS A 535 -26.29 -19.00 13.22
CA HIS A 535 -26.83 -18.86 14.57
C HIS A 535 -28.10 -18.01 14.62
CHA HEM B . 5.22 -4.51 -3.37
CHB HEM B . 1.17 -2.30 -5.02
CHC HEM B . -1.50 -6.05 -3.49
CHD HEM B . 2.43 -8.05 -1.50
C1A HEM B . 4.36 -3.61 -3.94
C2A HEM B . 4.74 -2.35 -4.54
C3A HEM B . 3.63 -1.75 -5.00
C4A HEM B . 2.50 -2.59 -4.70
CMA HEM B . 3.54 -0.36 -5.70
CAA HEM B . 6.18 -1.79 -4.65
CBA HEM B . 6.60 -1.15 -3.33
CGA HEM B . 7.87 -0.35 -3.50
O1A HEM B . 8.32 0.29 -2.51
O2A HEM B . 8.41 -0.30 -4.63
C1B HEM B . 0.09 -3.13 -4.79
C2B HEM B . -1.29 -2.93 -5.22
C3B HEM B . -2.00 -3.99 -4.76
C4B HEM B . -1.11 -4.86 -4.07
CMB HEM B . -1.78 -1.72 -6.03
CAB HEM B . -3.49 -4.39 -4.86
CBB HEM B . -4.40 -3.66 -5.50
C1C HEM B . -0.67 -6.92 -2.83
C2C HEM B . -1.08 -8.18 -2.28
C3C HEM B . 0.01 -8.74 -1.71
C4C HEM B . 1.14 -7.84 -1.92
CMC HEM B . -2.54 -8.71 -2.35
CAC HEM B . 0.14 -10.10 -0.99
CBC HEM B . -0.70 -11.12 -1.24
C1D HEM B . 3.57 -7.34 -1.86
C2D HEM B . 4.93 -7.72 -1.57
C3D HEM B . 5.81 -6.61 -2.17
C4D HEM B . 4.88 -5.68 -2.75
CMD HEM B . 5.41 -9.00 -0.82
CAD HEM B . 7.36 -6.50 -2.18
CBD HEM B . 7.88 -5.37 -1.28
CGD HEM B . 9.36 -5.24 -1.55
O1D HEM B . 9.89 -6.07 -2.32
O2D HEM B . 10.00 -4.32 -0.97
NA HEM B . 2.98 -3.74 -4.03
NB HEM B . 0.14 -4.32 -4.08
NC HEM B . 0.68 -6.72 -2.62
ND HEM B . 3.60 -6.15 -2.53
FE HEM B . 1.84 -5.27 -3.39
CL1 TBQ C . 3.19 5.12 3.05
C1 TBQ C . 4.86 3.39 1.83
C2 TBQ C . 5.37 2.12 1.59
C3 TBQ C . 4.87 1.01 2.25
C4 TBQ C . 3.85 1.18 3.16
C5 TBQ C . 3.32 2.44 3.41
C6 TBQ C . 3.84 3.53 2.75
C12 TBQ C . 5.46 -0.36 1.97
C15 TBQ C . 4.75 -1.51 2.71
C18 TBQ C . 4.32 -2.70 1.80
C19 TBQ C . 2.92 -2.29 1.33
N22 TBQ C . 2.32 -3.08 0.27
C23 TBQ C . 2.71 -3.23 -0.98
N24 TBQ C . 1.90 -4.05 -1.62
C25 TBQ C . 1.01 -4.38 -0.67
N26 TBQ C . 1.20 -3.82 0.50
O29 TBQ C . 5.18 -2.80 0.66
C31 TBQ C . 4.45 -4.09 2.49
C32 TBQ C . 4.21 -5.22 1.47
C36 TBQ C . 5.85 -4.29 3.07
C40 TBQ C . 3.40 -4.25 3.60
#